data_2P5M
#
_entry.id   2P5M
#
_cell.length_a   117.014
_cell.length_b   117.014
_cell.length_c   68.927
_cell.angle_alpha   90.00
_cell.angle_beta   90.00
_cell.angle_gamma   120.00
#
_symmetry.space_group_name_H-M   'P 65 2 2'
#
loop_
_entity.id
_entity.type
_entity.pdbx_description
1 polymer 'Arginine repressor'
2 non-polymer ARGININE
3 water water
#
_entity_poly.entity_id   1
_entity_poly.type   'polypeptide(L)'
_entity_poly.pdbx_seq_one_letter_code
;MQRFNPLSKLKRALMDAFVKIDSASHMIVLKTMPGNAQAIGALMDNLDWDEMMGTICGDDTILIICRTPEDTEGVKNRLL
ELL
;
_entity_poly.pdbx_strand_id   A,B,C
#
# COMPACT_ATOMS: atom_id res chain seq x y z
N GLN A 2 4.08 9.05 -31.79
CA GLN A 2 4.07 8.29 -30.50
C GLN A 2 5.42 7.65 -30.20
N ARG A 3 5.88 7.80 -28.97
CA ARG A 3 7.17 7.25 -28.51
C ARG A 3 6.96 6.04 -27.61
N PHE A 4 7.89 5.11 -27.67
CA PHE A 4 7.66 3.81 -27.05
C PHE A 4 8.54 3.39 -25.87
N ASN A 5 9.48 4.25 -25.44
CA ASN A 5 10.28 3.85 -24.28
C ASN A 5 9.45 3.83 -23.01
N PRO A 6 9.93 3.14 -21.97
CA PRO A 6 9.13 3.07 -20.76
C PRO A 6 8.62 4.41 -20.28
N LEU A 7 9.46 5.43 -20.31
CA LEU A 7 9.06 6.72 -19.77
C LEU A 7 7.94 7.28 -20.63
N SER A 8 8.09 7.15 -21.95
CA SER A 8 7.11 7.65 -22.89
C SER A 8 5.79 6.89 -22.81
N LYS A 9 5.86 5.59 -22.58
CA LYS A 9 4.66 4.78 -22.32
C LYS A 9 3.95 5.21 -21.03
N LEU A 10 4.73 5.48 -19.99
CA LEU A 10 4.19 5.99 -18.74
C LEU A 10 3.52 7.33 -18.96
N LYS A 11 4.25 8.23 -19.61
CA LYS A 11 3.74 9.58 -19.94
C LYS A 11 2.44 9.43 -20.70
N ARG A 12 2.44 8.62 -21.76
CA ARG A 12 1.24 8.42 -22.53
C ARG A 12 0.11 7.86 -21.67
N ALA A 13 0.39 6.82 -20.89
CA ALA A 13 -0.65 6.18 -20.12
C ALA A 13 -1.26 7.17 -19.12
N LEU A 14 -0.40 7.95 -18.46
CA LEU A 14 -0.83 9.01 -17.54
C LEU A 14 -1.72 10.09 -18.16
N MET A 15 -1.57 10.36 -19.46
CA MET A 15 -2.43 11.36 -20.10
C MET A 15 -3.88 11.00 -19.88
N ASP A 16 -4.17 9.71 -20.00
CA ASP A 16 -5.54 9.25 -19.87
C ASP A 16 -5.88 8.82 -18.48
N ALA A 17 -4.88 8.35 -17.74
CA ALA A 17 -5.11 7.65 -16.49
C ALA A 17 -4.84 8.47 -15.24
N PHE A 18 -4.03 9.52 -15.34
CA PHE A 18 -3.65 10.29 -14.15
C PHE A 18 -4.82 11.02 -13.54
N VAL A 19 -4.92 10.94 -12.21
CA VAL A 19 -5.93 11.70 -11.48
C VAL A 19 -5.26 12.63 -10.46
N LYS A 20 -4.38 12.09 -9.63
CA LYS A 20 -3.77 12.92 -8.61
C LYS A 20 -2.46 12.33 -8.16
N ILE A 21 -1.55 13.20 -7.76
CA ILE A 21 -0.33 12.71 -7.09
C ILE A 21 -0.03 13.57 -5.88
N ASP A 22 0.34 12.92 -4.79
CA ASP A 22 0.64 13.60 -3.55
C ASP A 22 1.65 12.72 -2.83
N SER A 23 2.24 13.24 -1.77
CA SER A 23 3.21 12.46 -1.02
C SER A 23 3.16 12.86 0.42
N ALA A 24 3.62 11.94 1.26
CA ALA A 24 3.77 12.21 2.67
C ALA A 24 4.91 11.33 3.12
N SER A 25 5.83 11.90 3.90
CA SER A 25 6.98 11.19 4.41
C SER A 25 7.68 10.41 3.30
N HIS A 26 7.65 9.08 3.39
CA HIS A 26 8.43 8.17 2.57
C HIS A 26 7.64 7.64 1.37
N MET A 27 6.43 8.16 1.13
CA MET A 27 5.56 7.57 0.14
C MET A 27 4.81 8.55 -0.75
N ILE A 28 4.59 8.10 -1.98
CA ILE A 28 3.81 8.86 -2.93
C ILE A 28 2.49 8.15 -3.09
N VAL A 29 1.41 8.91 -3.11
CA VAL A 29 0.10 8.38 -3.41
C VAL A 29 -0.25 8.87 -4.78
N LEU A 30 -0.38 7.94 -5.71
CA LEU A 30 -0.67 8.28 -7.10
C LEU A 30 -2.03 7.70 -7.42
N LYS A 31 -2.99 8.56 -7.73
CA LYS A 31 -4.35 8.15 -7.98
C LYS A 31 -4.54 8.11 -9.47
N THR A 32 -5.17 7.06 -9.96
CA THR A 32 -5.41 6.87 -11.37
C THR A 32 -6.90 6.76 -11.63
N MET A 33 -7.27 6.74 -12.91
CA MET A 33 -8.58 6.32 -13.31
C MET A 33 -8.87 4.91 -12.81
N PRO A 34 -10.16 4.60 -12.62
CA PRO A 34 -10.51 3.26 -12.16
C PRO A 34 -9.85 2.16 -12.96
N GLY A 35 -9.31 1.19 -12.23
CA GLY A 35 -8.76 -0.02 -12.80
C GLY A 35 -7.38 0.17 -13.40
N ASN A 36 -6.78 1.33 -13.15
CA ASN A 36 -5.51 1.65 -13.82
C ASN A 36 -4.30 1.62 -12.92
N ALA A 37 -4.51 1.29 -11.64
CA ALA A 37 -3.38 1.30 -10.69
C ALA A 37 -2.33 0.28 -11.09
N GLN A 38 -2.73 -0.94 -11.42
CA GLN A 38 -1.74 -1.97 -11.76
C GLN A 38 -1.04 -1.68 -13.08
N ALA A 39 -1.81 -1.16 -14.03
CA ALA A 39 -1.27 -0.79 -15.33
C ALA A 39 -0.19 0.27 -15.20
N ILE A 40 -0.48 1.31 -14.42
CA ILE A 40 0.49 2.36 -14.18
C ILE A 40 1.64 1.85 -13.30
N GLY A 41 1.33 1.02 -12.29
CA GLY A 41 2.36 0.44 -11.44
C GLY A 41 3.36 -0.35 -12.28
N ALA A 42 2.86 -1.10 -13.25
CA ALA A 42 3.72 -1.92 -14.10
C ALA A 42 4.66 -1.03 -14.91
N LEU A 43 4.14 0.05 -15.46
CA LEU A 43 4.98 0.97 -16.23
C LEU A 43 6.02 1.60 -15.33
N MET A 44 5.62 1.94 -14.11
CA MET A 44 6.53 2.55 -13.14
C MET A 44 7.64 1.60 -12.74
N ASP A 45 7.26 0.36 -12.47
CA ASP A 45 8.21 -0.67 -12.12
C ASP A 45 9.20 -0.92 -13.26
N ASN A 46 8.74 -0.76 -14.50
CA ASN A 46 9.61 -0.90 -15.69
C ASN A 46 10.55 0.29 -15.94
N LEU A 47 10.41 1.37 -15.18
CA LEU A 47 11.30 2.50 -15.32
C LEU A 47 12.62 2.19 -14.64
N ASP A 48 12.56 1.29 -13.68
CA ASP A 48 13.71 0.85 -12.91
C ASP A 48 14.38 1.97 -12.09
N TRP A 49 13.61 2.92 -11.60
CA TRP A 49 14.17 4.00 -10.80
C TRP A 49 14.53 3.46 -9.43
N ASP A 50 15.81 3.46 -9.10
CA ASP A 50 16.29 2.88 -7.85
C ASP A 50 15.73 3.59 -6.63
N GLU A 51 15.50 4.89 -6.77
CA GLU A 51 14.91 5.70 -5.71
C GLU A 51 13.54 5.21 -5.31
N MET A 52 12.94 4.40 -6.18
CA MET A 52 11.66 3.78 -5.88
C MET A 52 12.00 2.48 -5.17
N MET A 53 11.71 2.40 -3.87
CA MET A 53 11.84 1.15 -3.12
C MET A 53 10.85 0.11 -3.61
N GLY A 54 9.63 0.54 -3.91
CA GLY A 54 8.62 -0.39 -4.39
C GLY A 54 7.33 0.30 -4.66
N THR A 55 6.44 -0.39 -5.37
CA THR A 55 5.10 0.11 -5.61
C THR A 55 4.09 -0.95 -5.21
N ILE A 56 3.00 -0.49 -4.62
CA ILE A 56 1.88 -1.35 -4.30
C ILE A 56 0.66 -0.70 -4.89
N CYS A 57 -0.07 -1.45 -5.71
CA CYS A 57 -1.18 -0.86 -6.48
C CYS A 57 -2.46 -1.49 -6.03
N GLY A 58 -3.49 -0.68 -5.89
CA GLY A 58 -4.82 -1.20 -5.60
C GLY A 58 -5.56 -1.24 -6.92
N ASP A 59 -6.66 -0.53 -7.01
CA ASP A 59 -7.40 -0.50 -8.26
C ASP A 59 -7.17 0.82 -8.98
N ASP A 60 -7.16 1.90 -8.22
CA ASP A 60 -7.00 3.21 -8.82
C ASP A 60 -5.99 4.03 -8.03
N THR A 61 -5.35 3.40 -7.06
CA THR A 61 -4.40 4.10 -6.23
C THR A 61 -3.12 3.29 -6.14
N ILE A 62 -2.01 3.98 -6.28
CA ILE A 62 -0.69 3.39 -6.23
C ILE A 62 0.08 4.06 -5.10
N LEU A 63 0.69 3.23 -4.26
CA LEU A 63 1.59 3.76 -3.26
C LEU A 63 2.99 3.48 -3.74
N ILE A 64 3.80 4.52 -3.83
CA ILE A 64 5.19 4.33 -4.17
C ILE A 64 5.97 4.58 -2.91
N ILE A 65 6.71 3.59 -2.46
CA ILE A 65 7.49 3.75 -1.27
C ILE A 65 8.93 4.06 -1.65
N CYS A 66 9.49 5.08 -1.00
CA CYS A 66 10.88 5.43 -1.16
C CYS A 66 11.56 5.34 0.19
N ARG A 67 12.89 5.33 0.18
CA ARG A 67 13.68 5.09 1.38
C ARG A 67 13.65 6.30 2.28
N THR A 68 13.57 7.47 1.67
CA THR A 68 13.62 8.72 2.40
C THR A 68 12.64 9.71 1.80
N PRO A 69 12.23 10.71 2.60
CA PRO A 69 11.45 11.81 2.08
C PRO A 69 12.14 12.49 0.88
N GLU A 70 13.46 12.61 0.92
CA GLU A 70 14.19 13.22 -0.19
C GLU A 70 14.05 12.37 -1.46
N ASP A 71 14.18 11.05 -1.33
CA ASP A 71 13.98 10.14 -2.46
C ASP A 71 12.57 10.22 -3.00
N THR A 72 11.61 10.33 -2.09
CA THR A 72 10.18 10.42 -2.43
C THR A 72 9.92 11.63 -3.31
N GLU A 73 10.48 12.76 -2.91
CA GLU A 73 10.33 13.99 -3.65
C GLU A 73 10.95 13.85 -5.03
N GLY A 74 12.14 13.26 -5.12
CA GLY A 74 12.82 13.09 -6.38
C GLY A 74 12.01 12.23 -7.34
N VAL A 75 11.44 11.13 -6.84
CA VAL A 75 10.58 10.30 -7.66
C VAL A 75 9.29 11.03 -8.07
N LYS A 76 8.67 11.72 -7.11
CA LYS A 76 7.45 12.48 -7.40
C LYS A 76 7.74 13.51 -8.51
N ASN A 77 8.85 14.22 -8.38
CA ASN A 77 9.25 15.20 -9.38
C ASN A 77 9.43 14.60 -10.76
N ARG A 78 10.04 13.42 -10.81
CA ARG A 78 10.22 12.70 -12.06
C ARG A 78 8.88 12.36 -12.69
N LEU A 79 7.90 11.95 -11.89
CA LEU A 79 6.56 11.62 -12.39
C LEU A 79 5.82 12.87 -12.86
N LEU A 80 5.91 13.91 -12.04
CA LEU A 80 5.31 15.20 -12.33
C LEU A 80 5.73 15.74 -13.67
N GLU A 81 7.01 15.57 -14.00
CA GLU A 81 7.56 15.93 -15.29
C GLU A 81 6.85 15.32 -16.47
N LEU A 82 6.24 14.16 -16.26
CA LEU A 82 5.55 13.47 -17.33
C LEU A 82 4.17 14.04 -17.55
N LEU A 83 3.66 14.76 -16.56
CA LEU A 83 2.29 15.25 -16.61
C LEU A 83 2.24 16.59 -17.30
N ASN B 5 -26.17 8.43 1.20
CA ASN B 5 -25.14 9.10 2.04
C ASN B 5 -23.87 8.23 2.15
N PRO B 6 -22.74 8.68 1.55
CA PRO B 6 -21.45 7.97 1.62
C PRO B 6 -21.12 7.45 3.02
N LEU B 7 -21.20 8.32 4.02
CA LEU B 7 -20.89 7.95 5.41
C LEU B 7 -21.81 6.84 5.92
N SER B 8 -23.10 6.94 5.60
CA SER B 8 -24.08 5.95 6.00
C SER B 8 -23.88 4.62 5.29
N LYS B 9 -23.56 4.67 4.00
CA LYS B 9 -23.22 3.48 3.23
C LYS B 9 -22.01 2.77 3.80
N LEU B 10 -20.96 3.54 4.12
CA LEU B 10 -19.77 2.98 4.75
C LEU B 10 -20.10 2.35 6.10
N LYS B 11 -20.85 3.07 6.94
CA LYS B 11 -21.27 2.53 8.22
C LYS B 11 -22.02 1.21 8.03
N ARG B 12 -23.00 1.18 7.14
CA ARG B 12 -23.73 -0.06 6.85
C ARG B 12 -22.77 -1.17 6.44
N ALA B 13 -21.87 -0.90 5.49
CA ALA B 13 -20.92 -1.90 5.00
C ALA B 13 -19.96 -2.38 6.09
N LEU B 14 -19.56 -1.48 6.99
CA LEU B 14 -18.62 -1.83 8.06
C LEU B 14 -19.21 -2.79 9.08
N MET B 15 -20.53 -2.78 9.24
CA MET B 15 -21.18 -3.74 10.14
C MET B 15 -20.71 -5.17 9.87
N ASP B 16 -20.69 -5.55 8.59
CA ASP B 16 -20.32 -6.90 8.23
C ASP B 16 -18.85 -7.04 7.91
N ALA B 17 -18.27 -5.98 7.33
CA ALA B 17 -16.96 -6.11 6.74
C ALA B 17 -15.82 -5.76 7.68
N PHE B 18 -16.10 -5.00 8.73
CA PHE B 18 -15.02 -4.53 9.59
C PHE B 18 -14.42 -5.65 10.42
N VAL B 19 -13.09 -5.64 10.52
CA VAL B 19 -12.40 -6.54 11.42
C VAL B 19 -11.54 -5.78 12.43
N LYS B 20 -10.70 -4.85 11.97
CA LYS B 20 -9.74 -4.21 12.86
C LYS B 20 -9.31 -2.86 12.31
N ILE B 21 -8.99 -1.92 13.18
CA ILE B 21 -8.43 -0.68 12.71
C ILE B 21 -7.28 -0.32 13.63
N ASP B 22 -6.18 0.12 13.05
CA ASP B 22 -5.09 0.62 13.86
C ASP B 22 -4.36 1.67 13.03
N SER B 23 -3.40 2.34 13.62
CA SER B 23 -2.70 3.36 12.92
C SER B 23 -1.30 3.46 13.47
N ALA B 24 -0.41 3.99 12.63
CA ALA B 24 0.95 4.28 13.05
C ALA B 24 1.42 5.36 12.10
N SER B 25 2.20 6.30 12.62
CA SER B 25 2.72 7.35 11.78
C SER B 25 1.51 8.04 11.11
N HIS B 26 1.56 8.23 9.80
CA HIS B 26 0.49 8.93 9.09
C HIS B 26 -0.42 7.98 8.31
N MET B 27 -0.54 6.75 8.78
CA MET B 27 -1.43 5.82 8.12
C MET B 27 -2.30 5.03 9.04
N ILE B 28 -3.43 4.62 8.48
CA ILE B 28 -4.39 3.76 9.15
C ILE B 28 -4.40 2.46 8.41
N VAL B 29 -4.34 1.36 9.16
CA VAL B 29 -4.50 0.05 8.61
C VAL B 29 -5.86 -0.44 9.04
N LEU B 30 -6.72 -0.66 8.06
CA LEU B 30 -8.06 -1.12 8.32
C LEU B 30 -8.20 -2.52 7.74
N LYS B 31 -8.51 -3.49 8.60
CA LYS B 31 -8.64 -4.87 8.18
C LYS B 31 -10.13 -5.17 8.07
N THR B 32 -10.51 -5.83 6.99
CA THR B 32 -11.89 -6.14 6.70
C THR B 32 -11.99 -7.64 6.61
N MET B 33 -13.19 -8.11 6.42
CA MET B 33 -13.40 -9.52 6.10
C MET B 33 -12.70 -9.84 4.78
N PRO B 34 -12.35 -11.13 4.55
CA PRO B 34 -11.77 -11.53 3.29
C PRO B 34 -12.50 -10.96 2.09
N GLY B 35 -11.75 -10.41 1.15
CA GLY B 35 -12.30 -9.99 -0.11
C GLY B 35 -12.97 -8.65 -0.04
N ASN B 36 -12.96 -8.03 1.14
CA ASN B 36 -13.71 -6.80 1.33
C ASN B 36 -12.95 -5.50 1.25
N ALA B 37 -11.63 -5.57 1.11
CA ALA B 37 -10.82 -4.37 1.15
C ALA B 37 -11.23 -3.41 0.05
N GLN B 38 -11.37 -3.90 -1.18
CA GLN B 38 -11.73 -3.01 -2.28
C GLN B 38 -13.11 -2.39 -2.12
N ALA B 39 -14.06 -3.19 -1.65
CA ALA B 39 -15.44 -2.73 -1.44
C ALA B 39 -15.48 -1.58 -0.43
N ILE B 40 -14.78 -1.74 0.67
CA ILE B 40 -14.76 -0.73 1.72
C ILE B 40 -13.96 0.47 1.22
N GLY B 41 -12.87 0.20 0.50
CA GLY B 41 -12.04 1.26 -0.10
C GLY B 41 -12.85 2.14 -1.01
N ALA B 42 -13.71 1.53 -1.83
CA ALA B 42 -14.60 2.29 -2.72
C ALA B 42 -15.48 3.23 -1.87
N LEU B 43 -16.06 2.71 -0.79
CA LEU B 43 -16.87 3.57 0.09
C LEU B 43 -16.06 4.70 0.74
N MET B 44 -14.83 4.40 1.15
CA MET B 44 -14.02 5.41 1.83
C MET B 44 -13.59 6.48 0.85
N ASP B 45 -13.27 6.04 -0.35
CA ASP B 45 -12.94 6.98 -1.43
C ASP B 45 -14.09 7.92 -1.75
N ASN B 46 -15.32 7.49 -1.45
CA ASN B 46 -16.48 8.35 -1.73
C ASN B 46 -16.79 9.33 -0.62
N LEU B 47 -16.08 9.21 0.50
CA LEU B 47 -16.20 10.14 1.60
C LEU B 47 -15.62 11.49 1.16
N ASP B 48 -16.16 12.56 1.63
CA ASP B 48 -15.57 13.80 1.13
C ASP B 48 -14.54 14.29 2.12
N TRP B 49 -13.50 13.48 2.34
CA TRP B 49 -12.54 13.73 3.42
C TRP B 49 -11.19 14.20 2.90
N ASP B 50 -10.99 15.50 2.98
CA ASP B 50 -9.81 16.13 2.43
C ASP B 50 -8.54 15.58 3.05
N GLU B 51 -8.60 15.20 4.32
CA GLU B 51 -7.46 14.69 5.07
C GLU B 51 -7.00 13.31 4.63
N MET B 52 -7.85 12.60 3.91
CA MET B 52 -7.55 11.27 3.46
C MET B 52 -6.83 11.44 2.12
N MET B 53 -5.52 11.20 2.13
CA MET B 53 -4.74 11.36 0.91
C MET B 53 -5.14 10.30 -0.12
N GLY B 54 -5.40 9.09 0.37
CA GLY B 54 -5.89 8.03 -0.50
C GLY B 54 -5.96 6.72 0.24
N THR B 55 -6.50 5.72 -0.41
CA THR B 55 -6.53 4.39 0.19
C THR B 55 -5.93 3.46 -0.84
N ILE B 56 -5.22 2.43 -0.35
CA ILE B 56 -4.77 1.37 -1.19
C ILE B 56 -5.28 0.10 -0.52
N CYS B 57 -5.99 -0.69 -1.31
CA CYS B 57 -6.68 -1.87 -0.81
C CYS B 57 -6.08 -3.13 -1.38
N GLY B 58 -5.90 -4.09 -0.51
CA GLY B 58 -5.43 -5.40 -0.90
C GLY B 58 -6.61 -6.30 -1.03
N ASP B 59 -6.60 -7.39 -0.29
CA ASP B 59 -7.75 -8.27 -0.28
C ASP B 59 -8.62 -8.04 0.91
N ASP B 60 -7.98 -7.98 2.07
CA ASP B 60 -8.74 -7.79 3.30
C ASP B 60 -8.15 -6.68 4.14
N THR B 61 -7.24 -5.89 3.56
CA THR B 61 -6.62 -4.83 4.32
C THR B 61 -6.57 -3.59 3.50
N ILE B 62 -6.86 -2.48 4.16
CA ILE B 62 -6.85 -1.20 3.51
C ILE B 62 -5.82 -0.35 4.22
N LEU B 63 -4.98 0.31 3.43
CA LEU B 63 -4.07 1.29 3.97
C LEU B 63 -4.64 2.66 3.63
N ILE B 64 -4.85 3.46 4.66
CA ILE B 64 -5.38 4.80 4.45
C ILE B 64 -4.23 5.72 4.76
N ILE B 65 -3.91 6.58 3.80
CA ILE B 65 -2.76 7.44 3.95
C ILE B 65 -3.29 8.83 4.27
N CYS B 66 -2.77 9.42 5.34
CA CYS B 66 -2.98 10.84 5.62
C CYS B 66 -1.62 11.50 5.59
N ARG B 67 -1.59 12.83 5.62
CA ARG B 67 -0.33 13.54 5.49
C ARG B 67 0.47 13.47 6.77
N THR B 68 -0.23 13.48 7.91
CA THR B 68 0.39 13.67 9.20
C THR B 68 -0.26 12.76 10.21
N PRO B 69 0.45 12.44 11.29
CA PRO B 69 -0.16 11.68 12.40
C PRO B 69 -1.42 12.34 12.97
N GLU B 70 -1.45 13.67 13.06
CA GLU B 70 -2.64 14.36 13.56
C GLU B 70 -3.85 14.14 12.65
N ASP B 71 -3.66 14.28 11.34
CA ASP B 71 -4.71 14.01 10.38
C ASP B 71 -5.12 12.55 10.49
N THR B 72 -4.14 11.69 10.67
CA THR B 72 -4.38 10.23 10.75
C THR B 72 -5.28 9.91 11.94
N GLU B 73 -4.97 10.49 13.09
CA GLU B 73 -5.79 10.31 14.29
C GLU B 73 -7.22 10.81 14.07
N GLY B 74 -7.35 11.99 13.47
CA GLY B 74 -8.65 12.57 13.12
C GLY B 74 -9.46 11.61 12.26
N VAL B 75 -8.86 11.16 11.17
CA VAL B 75 -9.52 10.22 10.26
C VAL B 75 -9.90 8.89 10.95
N LYS B 76 -8.95 8.31 11.68
CA LYS B 76 -9.22 7.09 12.45
C LYS B 76 -10.38 7.30 13.44
N ASN B 77 -10.34 8.38 14.20
CA ASN B 77 -11.43 8.70 15.12
C ASN B 77 -12.78 8.83 14.43
N ARG B 78 -12.80 9.38 13.22
CA ARG B 78 -14.06 9.49 12.48
C ARG B 78 -14.57 8.13 12.00
N LEU B 79 -13.64 7.25 11.62
CA LEU B 79 -13.99 5.87 11.27
C LEU B 79 -14.46 5.07 12.49
N LEU B 80 -13.76 5.23 13.61
CA LEU B 80 -14.13 4.63 14.90
C LEU B 80 -15.56 4.99 15.36
N GLU B 81 -15.99 6.20 15.04
CA GLU B 81 -17.33 6.66 15.35
C GLU B 81 -18.43 5.88 14.64
N LEU B 82 -18.09 5.29 13.50
CA LEU B 82 -18.97 4.37 12.80
C LEU B 82 -18.79 2.94 13.32
N LEU B 83 -17.76 2.76 14.16
CA LEU B 83 -17.18 1.46 14.58
C LEU B 83 -16.26 0.83 13.55
N ASN C 5 9.08 -24.86 12.76
CA ASN C 5 8.22 -25.56 11.76
C ASN C 5 7.00 -24.75 11.31
N PRO C 6 6.34 -24.02 12.22
CA PRO C 6 5.21 -23.18 11.79
C PRO C 6 5.54 -22.20 10.68
N LEU C 7 6.82 -21.83 10.54
CA LEU C 7 7.22 -20.91 9.46
C LEU C 7 7.62 -21.62 8.17
N SER C 8 7.63 -22.95 8.21
CA SER C 8 8.10 -23.78 7.09
C SER C 8 7.34 -23.44 5.81
N LYS C 9 6.04 -23.18 5.95
CA LYS C 9 5.19 -22.90 4.81
C LYS C 9 5.62 -21.57 4.20
N LEU C 10 5.80 -20.56 5.04
CA LEU C 10 6.26 -19.25 4.59
C LEU C 10 7.67 -19.32 4.01
N LYS C 11 8.56 -20.05 4.70
CA LYS C 11 9.90 -20.27 4.20
C LYS C 11 9.86 -20.88 2.80
N ARG C 12 9.10 -21.98 2.66
CA ARG C 12 8.96 -22.64 1.36
C ARG C 12 8.53 -21.63 0.30
N ALA C 13 7.47 -20.87 0.59
CA ALA C 13 6.94 -19.93 -0.36
C ALA C 13 7.96 -18.85 -0.72
N LEU C 14 8.66 -18.33 0.28
CA LEU C 14 9.70 -17.32 0.04
C LEU C 14 10.85 -17.90 -0.81
N MET C 15 11.22 -19.15 -0.55
CA MET C 15 12.28 -19.77 -1.30
C MET C 15 12.00 -19.83 -2.81
N ASP C 16 10.74 -19.95 -3.16
CA ASP C 16 10.31 -19.92 -4.55
C ASP C 16 9.89 -18.58 -5.11
N ALA C 17 9.47 -17.67 -4.24
CA ALA C 17 8.90 -16.43 -4.76
C ALA C 17 9.52 -15.16 -4.27
N PHE C 18 10.38 -15.22 -3.26
CA PHE C 18 10.98 -14.00 -2.74
C PHE C 18 11.95 -13.37 -3.74
N VAL C 19 11.84 -12.06 -3.93
CA VAL C 19 12.80 -11.31 -4.75
C VAL C 19 13.64 -10.38 -3.88
N LYS C 20 13.02 -9.47 -3.13
CA LYS C 20 13.79 -8.64 -2.23
C LYS C 20 12.96 -8.02 -1.13
N ILE C 21 13.67 -7.53 -0.12
CA ILE C 21 13.03 -6.92 1.01
C ILE C 21 13.80 -5.64 1.28
N ASP C 22 13.09 -4.58 1.61
CA ASP C 22 13.71 -3.40 2.14
C ASP C 22 12.74 -2.81 3.14
N SER C 23 13.19 -1.85 3.91
CA SER C 23 12.29 -1.18 4.81
C SER C 23 12.65 0.28 4.89
N ALA C 24 11.69 1.08 5.30
CA ALA C 24 11.88 2.49 5.56
C ALA C 24 10.85 2.83 6.59
N SER C 25 11.26 3.56 7.63
CA SER C 25 10.34 3.96 8.71
C SER C 25 9.53 2.76 9.24
N HIS C 26 8.20 2.85 9.11
CA HIS C 26 7.26 1.88 9.70
C HIS C 26 6.92 0.75 8.75
N MET C 27 7.56 0.76 7.58
CA MET C 27 7.16 -0.09 6.49
C MET C 27 8.26 -1.01 5.99
N ILE C 28 7.84 -2.20 5.59
CA ILE C 28 8.71 -3.14 4.92
C ILE C 28 8.11 -3.35 3.56
N VAL C 29 8.95 -3.27 2.54
CA VAL C 29 8.51 -3.54 1.19
C VAL C 29 9.15 -4.84 0.78
N LEU C 30 8.33 -5.83 0.46
CA LEU C 30 8.83 -7.14 0.12
C LEU C 30 8.37 -7.44 -1.30
N LYS C 31 9.33 -7.65 -2.17
CA LYS C 31 9.02 -7.93 -3.56
C LYS C 31 9.06 -9.43 -3.77
N THR C 32 8.09 -9.91 -4.51
CA THR C 32 7.95 -11.32 -4.81
C THR C 32 8.00 -11.48 -6.32
N MET C 33 7.92 -12.73 -6.75
CA MET C 33 7.71 -13.04 -8.17
C MET C 33 6.35 -12.52 -8.60
N PRO C 34 6.16 -12.27 -9.92
CA PRO C 34 4.84 -11.81 -10.33
C PRO C 34 3.70 -12.67 -9.83
N GLY C 35 2.66 -11.99 -9.40
CA GLY C 35 1.46 -12.63 -8.94
C GLY C 35 1.56 -13.31 -7.59
N ASN C 36 2.68 -13.16 -6.88
CA ASN C 36 2.87 -13.84 -5.60
C ASN C 36 2.64 -13.01 -4.36
N ALA C 37 2.37 -11.72 -4.52
CA ALA C 37 2.23 -10.83 -3.36
C ALA C 37 1.10 -11.27 -2.41
N GLN C 38 -0.09 -11.53 -2.95
CA GLN C 38 -1.21 -11.99 -2.13
C GLN C 38 -0.94 -13.32 -1.47
N ALA C 39 -0.25 -14.21 -2.19
CA ALA C 39 0.08 -15.52 -1.67
C ALA C 39 0.99 -15.41 -0.46
N ILE C 40 2.06 -14.64 -0.56
CA ILE C 40 2.95 -14.46 0.56
C ILE C 40 2.26 -13.65 1.66
N GLY C 41 1.48 -12.65 1.27
CA GLY C 41 0.69 -11.85 2.23
C GLY C 41 -0.20 -12.67 3.12
N ALA C 42 -0.89 -13.66 2.54
CA ALA C 42 -1.73 -14.58 3.28
C ALA C 42 -0.91 -15.35 4.31
N LEU C 43 0.23 -15.87 3.89
CA LEU C 43 1.14 -16.57 4.82
C LEU C 43 1.58 -15.63 5.92
N MET C 44 1.96 -14.41 5.57
CA MET C 44 2.36 -13.44 6.57
C MET C 44 1.24 -13.05 7.53
N ASP C 45 0.04 -12.81 7.01
CA ASP C 45 -1.09 -12.51 7.87
C ASP C 45 -1.42 -13.69 8.78
N ASN C 46 -1.20 -14.90 8.31
CA ASN C 46 -1.51 -16.10 9.11
C ASN C 46 -0.60 -16.22 10.32
N LEU C 47 0.60 -15.64 10.22
CA LEU C 47 1.54 -15.54 11.34
C LEU C 47 0.92 -14.85 12.54
N ASP C 48 0.04 -13.89 12.26
CA ASP C 48 -0.62 -13.10 13.28
C ASP C 48 0.38 -12.53 14.30
N TRP C 49 1.53 -12.05 13.79
CA TRP C 49 2.51 -11.35 14.63
C TRP C 49 1.96 -9.98 14.98
N ASP C 50 1.99 -9.65 16.26
CA ASP C 50 1.43 -8.39 16.71
C ASP C 50 2.31 -7.20 16.32
N GLU C 51 3.58 -7.47 16.03
CA GLU C 51 4.49 -6.46 15.50
C GLU C 51 4.11 -5.98 14.10
N MET C 52 3.45 -6.85 13.33
CA MET C 52 2.89 -6.46 12.04
C MET C 52 1.48 -5.97 12.24
N MET C 53 1.27 -4.70 11.93
CA MET C 53 -0.05 -4.11 11.99
C MET C 53 -0.91 -4.67 10.86
N GLY C 54 -0.30 -4.85 9.70
CA GLY C 54 -1.04 -5.43 8.59
C GLY C 54 -0.18 -5.51 7.37
N THR C 55 -0.71 -6.14 6.32
CA THR C 55 -0.02 -6.16 5.04
C THR C 55 -1.02 -5.73 3.99
N ILE C 56 -0.50 -5.04 2.98
CA ILE C 56 -1.25 -4.76 1.77
C ILE C 56 -0.43 -5.30 0.65
N CYS C 57 -1.04 -6.14 -0.18
CA CYS C 57 -0.34 -6.78 -1.27
C CYS C 57 -0.85 -6.28 -2.61
N GLY C 58 0.07 -6.02 -3.53
CA GLY C 58 -0.33 -5.71 -4.89
C GLY C 58 -0.25 -6.99 -5.68
N ASP C 59 0.55 -6.98 -6.74
CA ASP C 59 0.69 -8.18 -7.54
C ASP C 59 1.99 -8.89 -7.20
N ASP C 60 3.07 -8.12 -7.14
CA ASP C 60 4.39 -8.68 -6.85
C ASP C 60 5.05 -7.97 -5.68
N THR C 61 4.33 -7.07 -5.02
CA THR C 61 4.91 -6.30 -3.93
C THR C 61 3.97 -6.31 -2.73
N ILE C 62 4.56 -6.54 -1.57
CA ILE C 62 3.84 -6.53 -0.30
C ILE C 62 4.38 -5.38 0.54
N LEU C 63 3.48 -4.59 1.07
CA LEU C 63 3.82 -3.60 2.06
C LEU C 63 3.39 -4.17 3.41
N ILE C 64 4.34 -4.27 4.33
CA ILE C 64 4.03 -4.67 5.68
C ILE C 64 4.14 -3.40 6.52
N ILE C 65 3.06 -3.06 7.23
CA ILE C 65 3.09 -1.92 8.13
C ILE C 65 3.33 -2.44 9.52
N CYS C 66 4.40 -1.99 10.15
CA CYS C 66 4.64 -2.31 11.55
C CYS C 66 4.38 -1.10 12.40
N ARG C 67 4.31 -1.30 13.71
CA ARG C 67 3.87 -0.27 14.64
C ARG C 67 4.89 0.84 14.81
N THR C 68 6.18 0.47 14.75
CA THR C 68 7.28 1.40 14.90
C THR C 68 8.43 0.99 13.98
N PRO C 69 9.38 1.91 13.73
CA PRO C 69 10.62 1.57 13.03
C PRO C 69 11.36 0.39 13.66
N GLU C 70 11.33 0.28 14.99
CA GLU C 70 12.02 -0.79 15.69
C GLU C 70 11.34 -2.12 15.40
N ASP C 71 9.99 -2.11 15.46
CA ASP C 71 9.22 -3.30 15.16
C ASP C 71 9.47 -3.69 13.71
N THR C 72 9.61 -2.68 12.85
CA THR C 72 9.84 -2.91 11.43
C THR C 72 11.12 -3.69 11.22
N GLU C 73 12.21 -3.24 11.86
CA GLU C 73 13.49 -3.95 11.82
C GLU C 73 13.40 -5.38 12.34
N GLY C 74 12.79 -5.53 13.52
CA GLY C 74 12.52 -6.83 14.11
C GLY C 74 11.80 -7.79 13.17
N VAL C 75 10.72 -7.30 12.54
CA VAL C 75 9.97 -8.12 11.59
C VAL C 75 10.78 -8.43 10.34
N LYS C 76 11.48 -7.42 9.81
CA LYS C 76 12.30 -7.60 8.61
C LYS C 76 13.38 -8.67 8.85
N ASN C 77 14.08 -8.56 9.97
CA ASN C 77 15.09 -9.55 10.33
C ASN C 77 14.54 -10.97 10.54
N ARG C 78 13.33 -11.06 11.10
CA ARG C 78 12.67 -12.36 11.26
C ARG C 78 12.40 -13.00 9.90
N LEU C 79 11.94 -12.18 8.95
CA LEU C 79 11.69 -12.64 7.58
C LEU C 79 12.98 -13.03 6.85
N LEU C 80 14.00 -12.20 6.97
CA LEU C 80 15.33 -12.48 6.41
C LEU C 80 15.92 -13.81 6.94
N GLU C 81 15.61 -14.14 8.20
CA GLU C 81 16.04 -15.42 8.79
C GLU C 81 15.58 -16.61 7.96
N LEU C 82 14.43 -16.49 7.32
CA LEU C 82 13.83 -17.57 6.54
C LEU C 82 14.52 -17.85 5.21
N LEU C 83 15.29 -16.88 4.71
CA LEU C 83 15.92 -17.02 3.40
C LEU C 83 17.20 -17.85 3.43
N ARG D . -8.46 3.45 -3.82
CA ARG D . -8.51 2.01 -3.37
C ARG D . -7.58 1.17 -4.22
O ARG D . -7.13 0.08 -3.85
CB ARG D . -9.93 1.51 -3.50
CG ARG D . -10.47 1.54 -4.91
CD ARG D . -11.97 1.16 -4.85
NE ARG D . -12.63 1.07 -6.14
CZ ARG D . -12.67 -0.01 -6.91
NH1 ARG D . -12.05 -1.13 -6.54
NH2 ARG D . -13.33 0.02 -8.05
OXT ARG D . -7.23 1.58 -5.35
N ARG E . -3.61 -8.49 3.92
CA ARG E . -3.03 -8.58 2.57
C ARG E . -3.91 -7.83 1.60
O ARG E . -3.48 -7.48 0.50
CB ARG E . -2.92 -10.04 2.14
CG ARG E . -4.27 -10.79 2.05
CD ARG E . -4.00 -12.26 1.76
NE ARG E . -5.21 -13.08 1.66
CZ ARG E . -5.88 -13.28 0.54
NH1 ARG E . -5.50 -12.71 -0.59
NH2 ARG E . -6.94 -14.08 0.55
OXT ARG E . -5.09 -7.61 1.93
N ARG F . 4.60 -3.62 -7.87
CA ARG F . 3.18 -3.19 -8.07
C ARG F . 2.23 -4.10 -7.32
O ARG F . 1.09 -3.71 -7.03
CB ARG F . 2.82 -3.19 -9.54
CG ARG F . 2.84 -4.56 -10.21
CD ARG F . 2.61 -4.40 -11.67
NE ARG F . 2.66 -5.65 -12.43
CZ ARG F . 1.63 -6.44 -12.66
NH1 ARG F . 0.42 -6.18 -12.14
NH2 ARG F . 1.81 -7.53 -13.39
OXT ARG F . 2.61 -5.23 -7.03
NE ARG G . -12.11 14.02 -2.09
CZ ARG G . -10.86 14.41 -2.34
NH1 ARG G . -10.03 13.58 -2.98
NH2 ARG G . -10.45 15.63 -1.98
NE ARG H . -6.20 19.14 8.91
CZ ARG H . -6.08 19.36 7.61
NH1 ARG H . -6.88 20.24 7.02
NH2 ARG H . -5.19 18.68 6.87
#